data_8AG9
#
_entry.id   8AG9
#
_cell.length_a   59.851
_cell.length_b   69.442
_cell.length_c   81.094
_cell.angle_alpha   90.000
_cell.angle_beta   90.000
_cell.angle_gamma   90.000
#
_symmetry.space_group_name_H-M   'P 21 21 21'
#
loop_
_entity.id
_entity.type
_entity.pdbx_description
1 polymer Endoglucanase
2 non-polymer 'SULFATE ION'
3 water water
#
_entity_poly.entity_id   1
_entity_poly.type   'polypeptide(L)'
_entity_poly.pdbx_seq_one_letter_code
;QEPVTVLRWDFEEIVGEQNVQALPAEWIASSKEGIAVERTEQGGRCLHVWVDAATGPGSRNIRYRLPVDKLRGQRVRVNA
LVRAKGVSQPPKPWNGIKCMLRIESGGEIQWPQQNLPGGDFDWRPIQFVVAVPDDCQQVDLIVGLENVTGDAWFDNIAVE
VIPKKKLSSNHKEVFKGHNLPRLRGAMIGPHVTNADLLEFGNVWKANHIRWQLIWNGFPHSPADSATLDEYRQWLDGALK
RLEAALPVCREAGILVTVDLHTPPGGRNEASECRIFHDREFQKAFIDIWEDIARRFADSDVVWGYDLVNEPVEGMVPDGL
MNWQRLAEETARRVRAIDQKHAIIIEPAPWGSPSSIALLDPIDVPGVVYSVHMYVPHAFTHQGVYDNPVGIVYPGTIDGK
WYDRNTLRKVLEPVRRFQEENGVHIYIGEFSAIRWAPADSACQYLKDCIEIFEEYGWDWAYHAFREWDGWSVEHGPDRND
RNRTATPTDRALLLRSWYAENVKPQFSDKKKD
;
_entity_poly.pdbx_strand_id   A
#
# COMPACT_ATOMS: atom_id res chain seq x y z
N GLU A 173 17.09 16.95 0.03
CA GLU A 173 17.50 16.76 -1.38
C GLU A 173 16.81 15.52 -1.98
N VAL A 174 16.52 14.51 -1.14
CA VAL A 174 15.79 13.34 -1.60
C VAL A 174 14.32 13.71 -1.77
N PHE A 175 13.76 13.33 -2.93
CA PHE A 175 12.37 13.65 -3.24
C PHE A 175 11.42 12.80 -2.41
N LYS A 176 10.48 13.47 -1.72
CA LYS A 176 9.39 12.82 -1.00
C LYS A 176 8.05 13.20 -1.62
N GLY A 177 7.91 14.44 -2.13
CA GLY A 177 6.66 14.90 -2.72
C GLY A 177 5.70 15.50 -1.69
N HIS A 178 6.18 15.71 -0.46
CA HIS A 178 5.42 16.39 0.59
C HIS A 178 6.44 17.10 1.47
N ASN A 179 5.97 18.05 2.28
CA ASN A 179 6.88 18.88 3.06
C ASN A 179 6.73 18.58 4.55
N LEU A 180 6.27 17.37 4.90
CA LEU A 180 6.12 16.99 6.30
C LEU A 180 7.31 16.15 6.74
N PRO A 181 7.59 16.07 8.06
CA PRO A 181 8.63 15.17 8.54
C PRO A 181 8.38 13.70 8.19
N ARG A 182 7.10 13.31 8.19
CA ARG A 182 6.73 11.93 7.92
CA ARG A 182 6.72 11.91 8.00
C ARG A 182 5.22 11.81 7.71
N LEU A 183 4.85 10.91 6.79
CA LEU A 183 3.47 10.46 6.67
C LEU A 183 3.33 9.15 7.45
N ARG A 184 2.33 9.14 8.34
CA ARG A 184 1.96 7.96 9.13
C ARG A 184 0.45 7.88 9.12
N GLY A 185 -0.07 6.77 8.58
CA GLY A 185 -1.50 6.56 8.54
C GLY A 185 -1.87 5.11 8.29
N ALA A 186 -2.85 4.92 7.40
CA ALA A 186 -3.38 3.58 7.17
C ALA A 186 -4.07 3.48 5.81
N MET A 187 -4.08 2.26 5.30
CA MET A 187 -5.03 1.79 4.32
C MET A 187 -6.45 1.99 4.86
N ILE A 188 -7.36 2.44 4.00
CA ILE A 188 -8.78 2.43 4.32
C ILE A 188 -9.48 1.44 3.39
N GLY A 189 -10.73 1.11 3.73
CA GLY A 189 -11.57 0.28 2.88
C GLY A 189 -12.40 1.13 1.92
N PRO A 190 -12.85 0.57 0.78
CA PRO A 190 -13.58 1.35 -0.22
C PRO A 190 -14.93 1.89 0.28
N HIS A 191 -15.43 1.36 1.41
CA HIS A 191 -16.70 1.83 1.95
C HIS A 191 -16.51 2.77 3.14
N VAL A 192 -15.28 3.26 3.35
CA VAL A 192 -14.99 4.21 4.41
C VAL A 192 -15.96 5.40 4.32
N THR A 193 -16.50 5.83 5.47
CA THR A 193 -17.42 6.97 5.49
C THR A 193 -16.64 8.26 5.70
N ASN A 194 -17.32 9.39 5.39
CA ASN A 194 -16.76 10.70 5.67
C ASN A 194 -16.46 10.83 7.17
N ALA A 195 -17.39 10.37 8.03
CA ALA A 195 -17.16 10.46 9.47
C ALA A 195 -15.92 9.66 9.90
N ASP A 196 -15.74 8.46 9.33
CA ASP A 196 -14.57 7.63 9.58
C ASP A 196 -13.29 8.41 9.29
N LEU A 197 -13.26 9.11 8.14
CA LEU A 197 -12.08 9.85 7.71
C LEU A 197 -11.80 11.00 8.67
N LEU A 198 -12.85 11.76 9.04
CA LEU A 198 -12.66 12.89 9.94
C LEU A 198 -12.17 12.42 11.31
N GLU A 199 -12.69 11.30 11.80
CA GLU A 199 -12.23 10.73 13.06
C GLU A 199 -10.75 10.33 12.97
N PHE A 200 -10.40 9.65 11.87
CA PHE A 200 -9.05 9.13 11.72
C PHE A 200 -8.04 10.29 11.70
N GLY A 201 -8.33 11.36 10.95
CA GLY A 201 -7.42 12.49 10.87
C GLY A 201 -7.42 13.35 12.13
N ASN A 202 -8.62 13.73 12.59
CA ASN A 202 -8.72 14.76 13.61
C ASN A 202 -8.63 14.19 15.02
N VAL A 203 -9.02 12.93 15.22
CA VAL A 203 -8.98 12.32 16.55
C VAL A 203 -7.77 11.38 16.67
N TRP A 204 -7.60 10.44 15.73
CA TRP A 204 -6.47 9.51 15.79
C TRP A 204 -5.14 10.19 15.44
N LYS A 205 -5.20 11.33 14.72
CA LYS A 205 -4.06 12.15 14.34
C LYS A 205 -3.26 11.59 13.15
N ALA A 206 -3.82 10.61 12.43
CA ALA A 206 -3.25 10.18 11.16
C ALA A 206 -3.18 11.37 10.22
N ASN A 207 -2.13 11.44 9.39
CA ASN A 207 -2.02 12.50 8.39
C ASN A 207 -2.00 11.91 6.98
N HIS A 208 -2.43 10.66 6.85
CA HIS A 208 -2.21 9.91 5.63
C HIS A 208 -3.19 8.75 5.53
N ILE A 209 -3.72 8.52 4.31
CA ILE A 209 -4.38 7.27 3.99
C ILE A 209 -3.88 6.75 2.65
N ARG A 210 -3.90 5.43 2.49
CA ARG A 210 -3.80 4.80 1.18
C ARG A 210 -5.20 4.40 0.74
N TRP A 211 -5.64 4.99 -0.38
CA TRP A 211 -6.98 4.78 -0.90
C TRP A 211 -6.92 3.68 -1.95
N GLN A 212 -7.49 2.52 -1.63
CA GLN A 212 -7.40 1.38 -2.52
C GLN A 212 -8.58 1.41 -3.50
N LEU A 213 -8.25 1.54 -4.78
CA LEU A 213 -9.21 1.35 -5.87
C LEU A 213 -9.24 -0.16 -6.12
N ILE A 214 -10.12 -0.85 -5.39
CA ILE A 214 -10.19 -2.30 -5.36
C ILE A 214 -11.58 -2.77 -5.76
N TRP A 215 -11.63 -3.76 -6.65
CA TRP A 215 -12.89 -4.32 -7.11
C TRP A 215 -13.15 -5.60 -6.31
N ASN A 216 -13.74 -5.37 -5.13
CA ASN A 216 -14.26 -6.38 -4.22
C ASN A 216 -13.16 -7.03 -3.39
N GLY A 217 -12.12 -7.55 -4.03
CA GLY A 217 -11.17 -8.40 -3.33
C GLY A 217 -9.81 -8.43 -4.01
N PHE A 218 -8.86 -9.06 -3.32
CA PHE A 218 -7.48 -9.17 -3.77
C PHE A 218 -6.89 -10.44 -3.16
N PRO A 219 -6.11 -11.28 -3.89
CA PRO A 219 -5.70 -11.03 -5.27
C PRO A 219 -6.69 -11.41 -6.37
N HIS A 220 -7.83 -12.01 -6.00
CA HIS A 220 -8.83 -12.43 -6.96
C HIS A 220 -10.01 -11.45 -6.95
N SER A 221 -10.58 -11.19 -8.13
CA SER A 221 -11.55 -10.13 -8.30
C SER A 221 -12.46 -10.45 -9.49
N PRO A 222 -13.68 -9.87 -9.55
CA PRO A 222 -14.46 -9.87 -10.80
C PRO A 222 -13.71 -9.29 -12.01
N ALA A 223 -12.74 -8.40 -11.75
CA ALA A 223 -11.89 -7.86 -12.81
C ALA A 223 -11.22 -8.97 -13.62
N ASP A 224 -10.97 -10.12 -12.98
CA ASP A 224 -10.24 -11.23 -13.57
C ASP A 224 -10.98 -11.80 -14.79
N SER A 225 -12.31 -11.62 -14.86
CA SER A 225 -13.06 -12.11 -16.01
C SER A 225 -13.90 -11.02 -16.67
N ALA A 226 -13.70 -9.75 -16.29
CA ALA A 226 -14.50 -8.65 -16.79
C ALA A 226 -13.89 -8.12 -18.08
N THR A 227 -14.75 -7.66 -19.01
CA THR A 227 -14.31 -6.95 -20.19
C THR A 227 -13.70 -5.61 -19.80
N LEU A 228 -12.90 -5.03 -20.69
CA LEU A 228 -12.36 -3.70 -20.42
C LEU A 228 -13.49 -2.69 -20.18
N ASP A 229 -14.58 -2.79 -20.95
CA ASP A 229 -15.73 -1.90 -20.75
C ASP A 229 -16.30 -2.03 -19.33
N GLU A 230 -16.51 -3.28 -18.89
CA GLU A 230 -17.00 -3.55 -17.56
C GLU A 230 -16.05 -2.98 -16.50
N TYR A 231 -14.74 -3.16 -16.74
CA TYR A 231 -13.72 -2.69 -15.81
C TYR A 231 -13.75 -1.16 -15.71
N ARG A 232 -13.80 -0.47 -16.87
CA ARG A 232 -13.79 0.97 -16.87
C ARG A 232 -15.03 1.50 -16.16
N GLN A 233 -16.16 0.79 -16.27
CA GLN A 233 -17.38 1.25 -15.59
C GLN A 233 -17.21 1.11 -14.08
N TRP A 234 -16.70 -0.03 -13.63
CA TRP A 234 -16.42 -0.22 -12.22
C TRP A 234 -15.48 0.90 -11.73
N LEU A 235 -14.40 1.14 -12.47
CA LEU A 235 -13.36 2.05 -12.00
C LEU A 235 -13.92 3.47 -11.92
N ASP A 236 -14.80 3.84 -12.86
CA ASP A 236 -15.42 5.16 -12.87
C ASP A 236 -16.17 5.40 -11.56
N GLY A 237 -16.90 4.40 -11.07
CA GLY A 237 -17.60 4.54 -9.80
C GLY A 237 -16.64 4.66 -8.61
N ALA A 238 -15.56 3.88 -8.66
CA ALA A 238 -14.57 3.91 -7.60
C ALA A 238 -13.89 5.28 -7.52
N LEU A 239 -13.57 5.87 -8.69
CA LEU A 239 -12.90 7.15 -8.72
C LEU A 239 -13.85 8.27 -8.28
N LYS A 240 -15.14 8.13 -8.58
CA LYS A 240 -16.13 9.11 -8.19
C LYS A 240 -16.13 9.28 -6.67
N ARG A 241 -16.05 8.15 -5.95
CA ARG A 241 -16.06 8.21 -4.49
C ARG A 241 -14.73 8.78 -3.98
N LEU A 242 -13.60 8.33 -4.55
CA LEU A 242 -12.33 8.94 -4.17
C LEU A 242 -12.40 10.46 -4.31
N GLU A 243 -12.90 10.93 -5.46
CA GLU A 243 -12.93 12.35 -5.73
C GLU A 243 -13.75 13.08 -4.68
N ALA A 244 -14.91 12.49 -4.31
CA ALA A 244 -15.76 13.08 -3.29
C ALA A 244 -15.13 13.08 -1.90
N ALA A 245 -14.25 12.12 -1.62
CA ALA A 245 -13.61 12.01 -0.31
C ALA A 245 -12.46 13.00 -0.15
N LEU A 246 -11.88 13.55 -1.22
CA LEU A 246 -10.70 14.38 -1.08
C LEU A 246 -10.97 15.63 -0.25
N PRO A 247 -12.11 16.35 -0.40
CA PRO A 247 -12.40 17.50 0.46
C PRO A 247 -12.52 17.10 1.93
N VAL A 248 -13.00 15.88 2.19
CA VAL A 248 -13.13 15.38 3.54
C VAL A 248 -11.73 15.13 4.12
N CYS A 249 -10.85 14.49 3.35
CA CYS A 249 -9.46 14.33 3.76
C CYS A 249 -8.80 15.68 4.03
N ARG A 250 -9.08 16.69 3.22
CA ARG A 250 -8.52 18.02 3.43
C ARG A 250 -8.92 18.52 4.82
N GLU A 251 -10.20 18.37 5.15
CA GLU A 251 -10.71 18.81 6.44
C GLU A 251 -10.14 17.97 7.58
N ALA A 252 -9.79 16.71 7.29
CA ALA A 252 -9.25 15.79 8.28
C ALA A 252 -7.73 15.93 8.43
N GLY A 253 -7.09 16.76 7.59
CA GLY A 253 -5.64 16.89 7.60
C GLY A 253 -4.93 15.61 7.15
N ILE A 254 -5.34 15.08 5.99
CA ILE A 254 -4.84 13.82 5.47
C ILE A 254 -4.38 13.98 4.02
N LEU A 255 -3.16 13.50 3.71
CA LEU A 255 -2.69 13.36 2.33
C LEU A 255 -2.92 11.93 1.85
N VAL A 256 -3.25 11.78 0.56
CA VAL A 256 -3.79 10.54 0.04
C VAL A 256 -2.87 9.87 -0.99
N THR A 257 -2.64 8.55 -0.82
CA THR A 257 -2.08 7.73 -1.87
C THR A 257 -3.24 7.16 -2.68
N VAL A 258 -3.21 7.39 -3.99
CA VAL A 258 -4.12 6.76 -4.93
C VAL A 258 -3.51 5.43 -5.38
N ASP A 259 -4.09 4.32 -4.90
CA ASP A 259 -3.60 2.97 -5.17
C ASP A 259 -4.51 2.29 -6.18
N LEU A 260 -3.98 1.97 -7.38
CA LEU A 260 -4.74 1.11 -8.28
C LEU A 260 -4.52 -0.34 -7.83
N HIS A 261 -5.46 -0.81 -7.01
CA HIS A 261 -5.32 -2.09 -6.34
C HIS A 261 -5.74 -3.24 -7.26
N THR A 262 -6.75 -2.99 -8.11
CA THR A 262 -7.20 -3.94 -9.12
C THR A 262 -6.99 -3.34 -10.50
N PRO A 263 -5.99 -3.80 -11.27
CA PRO A 263 -5.71 -3.23 -12.58
C PRO A 263 -6.64 -3.81 -13.63
N PRO A 264 -6.72 -3.17 -14.83
CA PRO A 264 -7.56 -3.67 -15.92
C PRO A 264 -7.16 -5.09 -16.31
N GLY A 265 -8.17 -5.97 -16.36
CA GLY A 265 -7.95 -7.37 -16.69
C GLY A 265 -7.75 -8.22 -15.44
N GLY A 266 -7.51 -7.59 -14.29
CA GLY A 266 -7.28 -8.33 -13.06
C GLY A 266 -6.11 -9.30 -13.20
N ARG A 267 -6.27 -10.52 -12.65
CA ARG A 267 -5.17 -11.47 -12.57
C ARG A 267 -5.65 -12.86 -12.99
N ASN A 268 -4.72 -13.67 -13.49
CA ASN A 268 -5.02 -15.06 -13.84
C ASN A 268 -5.07 -15.91 -12.57
N GLU A 269 -5.22 -17.22 -12.74
CA GLU A 269 -5.39 -18.13 -11.62
C GLU A 269 -4.16 -18.14 -10.72
N ALA A 270 -2.98 -17.85 -11.30
CA ALA A 270 -1.73 -17.78 -10.56
C ALA A 270 -1.47 -16.39 -9.98
N SER A 271 -2.46 -15.50 -10.00
CA SER A 271 -2.36 -14.16 -9.43
C SER A 271 -1.38 -13.28 -10.21
N GLU A 272 -1.15 -13.60 -11.48
CA GLU A 272 -0.33 -12.78 -12.35
C GLU A 272 -1.21 -11.76 -13.09
N CYS A 273 -0.75 -10.50 -13.17
CA CYS A 273 -1.58 -9.44 -13.72
C CYS A 273 -1.67 -9.55 -15.24
N ARG A 274 -2.89 -9.38 -15.76
CA ARG A 274 -3.12 -9.43 -17.20
CA ARG A 274 -3.17 -9.39 -17.19
C ARG A 274 -2.48 -8.22 -17.90
N ILE A 275 -2.14 -7.14 -17.16
CA ILE A 275 -1.47 -6.00 -17.77
C ILE A 275 -0.10 -6.40 -18.34
N PHE A 276 0.43 -7.57 -17.93
CA PHE A 276 1.69 -8.06 -18.46
C PHE A 276 1.50 -9.12 -19.54
N HIS A 277 0.26 -9.50 -19.85
CA HIS A 277 0.01 -10.65 -20.71
C HIS A 277 -0.82 -10.33 -21.95
N ASP A 278 -1.57 -9.23 -21.92
CA ASP A 278 -2.58 -8.93 -22.92
CA ASP A 278 -2.58 -8.93 -22.92
C ASP A 278 -2.37 -7.50 -23.41
N ARG A 279 -2.28 -7.31 -24.73
CA ARG A 279 -2.00 -6.00 -25.29
C ARG A 279 -3.09 -5.00 -24.92
N GLU A 280 -4.36 -5.42 -24.99
CA GLU A 280 -5.46 -4.52 -24.69
C GLU A 280 -5.38 -3.99 -23.26
N PHE A 281 -5.10 -4.89 -22.31
CA PHE A 281 -5.09 -4.52 -20.90
C PHE A 281 -3.82 -3.73 -20.59
N GLN A 282 -2.70 -4.06 -21.24
CA GLN A 282 -1.47 -3.32 -21.03
C GLN A 282 -1.66 -1.86 -21.51
N LYS A 283 -2.21 -1.68 -22.71
CA LYS A 283 -2.49 -0.33 -23.22
C LYS A 283 -3.47 0.40 -22.32
N ALA A 284 -4.50 -0.31 -21.83
CA ALA A 284 -5.53 0.28 -20.97
C ALA A 284 -4.90 0.80 -19.68
N PHE A 285 -3.92 0.06 -19.13
CA PHE A 285 -3.25 0.48 -17.91
C PHE A 285 -2.67 1.89 -18.06
N ILE A 286 -2.03 2.16 -19.21
CA ILE A 286 -1.39 3.43 -19.45
C ILE A 286 -2.46 4.51 -19.65
N ASP A 287 -3.45 4.18 -20.48
CA ASP A 287 -4.53 5.11 -20.79
C ASP A 287 -5.29 5.51 -19.52
N ILE A 288 -5.56 4.52 -18.66
CA ILE A 288 -6.25 4.77 -17.40
C ILE A 288 -5.43 5.68 -16.49
N TRP A 289 -4.10 5.45 -16.42
CA TRP A 289 -3.27 6.30 -15.59
C TRP A 289 -3.20 7.73 -16.12
N GLU A 290 -3.21 7.91 -17.44
CA GLU A 290 -3.29 9.26 -17.98
C GLU A 290 -4.58 9.96 -17.50
N ASP A 291 -5.70 9.24 -17.52
CA ASP A 291 -6.98 9.79 -17.09
C ASP A 291 -6.98 10.13 -15.60
N ILE A 292 -6.42 9.25 -14.77
CA ILE A 292 -6.38 9.49 -13.33
C ILE A 292 -5.49 10.71 -13.05
N ALA A 293 -4.33 10.78 -13.69
CA ALA A 293 -3.43 11.90 -13.49
C ALA A 293 -4.10 13.20 -13.90
N ARG A 294 -4.84 13.19 -15.02
CA ARG A 294 -5.52 14.39 -15.49
C ARG A 294 -6.53 14.85 -14.44
N ARG A 295 -7.25 13.87 -13.87
CA ARG A 295 -8.31 14.12 -12.92
C ARG A 295 -7.77 14.79 -11.64
N PHE A 296 -6.61 14.32 -11.16
CA PHE A 296 -6.11 14.74 -9.87
C PHE A 296 -4.89 15.65 -9.95
N ALA A 297 -4.52 16.12 -11.14
CA ALA A 297 -3.27 16.84 -11.34
C ALA A 297 -3.15 18.05 -10.42
N ASP A 298 -4.28 18.73 -10.16
CA ASP A 298 -4.26 19.99 -9.42
C ASP A 298 -4.56 19.79 -7.93
N SER A 299 -4.84 18.55 -7.50
CA SER A 299 -5.22 18.28 -6.13
C SER A 299 -4.06 18.50 -5.16
N ASP A 300 -4.32 19.24 -4.07
CA ASP A 300 -3.32 19.39 -3.01
C ASP A 300 -3.51 18.33 -1.93
N VAL A 301 -4.54 17.47 -2.05
CA VAL A 301 -4.84 16.43 -1.06
C VAL A 301 -4.15 15.11 -1.47
N VAL A 302 -4.20 14.80 -2.77
CA VAL A 302 -3.42 13.70 -3.31
C VAL A 302 -1.95 13.97 -3.09
N TRP A 303 -1.26 12.95 -2.57
CA TRP A 303 0.19 12.97 -2.46
C TRP A 303 0.81 12.23 -3.64
N GLY A 304 0.38 11.00 -3.87
CA GLY A 304 1.05 10.17 -4.84
C GLY A 304 0.15 9.13 -5.49
N TYR A 305 0.67 8.63 -6.61
CA TYR A 305 0.00 7.65 -7.45
C TYR A 305 0.77 6.33 -7.39
N ASP A 306 0.17 5.33 -6.74
CA ASP A 306 0.78 4.02 -6.58
C ASP A 306 0.28 3.18 -7.75
N LEU A 307 1.12 3.05 -8.79
CA LEU A 307 0.66 2.69 -10.13
C LEU A 307 -0.03 1.34 -10.18
N VAL A 308 0.49 0.34 -9.46
CA VAL A 308 -0.25 -0.89 -9.31
C VAL A 308 0.17 -1.59 -8.02
N ASN A 309 -0.84 -2.12 -7.33
CA ASN A 309 -0.63 -2.86 -6.10
C ASN A 309 0.03 -4.20 -6.41
N GLU A 310 1.17 -4.47 -5.75
CA GLU A 310 1.81 -5.78 -5.72
C GLU A 310 1.85 -6.42 -7.11
N PRO A 311 2.53 -5.80 -8.10
CA PRO A 311 2.57 -6.35 -9.45
C PRO A 311 3.23 -7.73 -9.46
N VAL A 312 2.65 -8.64 -10.26
CA VAL A 312 3.20 -9.97 -10.48
C VAL A 312 3.15 -10.25 -11.97
N GLU A 313 4.31 -10.55 -12.56
CA GLU A 313 4.46 -10.62 -14.00
C GLU A 313 4.19 -12.01 -14.58
N GLY A 314 4.66 -13.07 -13.91
CA GLY A 314 4.75 -14.37 -14.57
C GLY A 314 5.56 -14.29 -15.87
N MET A 315 5.10 -14.97 -16.94
CA MET A 315 5.76 -14.89 -18.23
C MET A 315 5.23 -13.66 -18.98
N VAL A 316 6.15 -12.91 -19.58
CA VAL A 316 5.81 -11.75 -20.37
C VAL A 316 6.01 -12.10 -21.84
N PRO A 317 4.93 -12.05 -22.66
CA PRO A 317 5.04 -12.40 -24.07
C PRO A 317 5.91 -11.41 -24.85
N ASP A 318 6.54 -11.91 -25.91
CA ASP A 318 7.28 -11.04 -26.82
CA ASP A 318 7.28 -11.04 -26.81
C ASP A 318 6.32 -9.97 -27.31
N GLY A 319 6.80 -8.72 -27.33
CA GLY A 319 5.98 -7.63 -27.82
C GLY A 319 5.30 -6.84 -26.71
N LEU A 320 5.24 -7.40 -25.48
CA LEU A 320 4.68 -6.66 -24.34
C LEU A 320 5.79 -6.22 -23.39
N MET A 321 5.52 -5.15 -22.65
CA MET A 321 6.44 -4.65 -21.65
C MET A 321 6.32 -5.49 -20.37
N ASN A 322 7.46 -5.73 -19.74
CA ASN A 322 7.51 -6.26 -18.39
C ASN A 322 7.29 -5.10 -17.43
N TRP A 323 7.41 -5.34 -16.12
CA TRP A 323 7.08 -4.29 -15.16
C TRP A 323 8.12 -3.17 -15.22
N GLN A 324 9.41 -3.49 -15.30
CA GLN A 324 10.43 -2.46 -15.37
C GLN A 324 10.07 -1.46 -16.47
N ARG A 325 9.73 -1.98 -17.66
CA ARG A 325 9.48 -1.11 -18.81
C ARG A 325 8.12 -0.43 -18.69
N LEU A 326 7.11 -1.17 -18.23
CA LEU A 326 5.77 -0.61 -18.15
C LEU A 326 5.71 0.46 -17.09
N ALA A 327 6.36 0.23 -15.95
CA ALA A 327 6.39 1.25 -14.90
C ALA A 327 7.03 2.53 -15.45
N GLU A 328 8.14 2.37 -16.20
CA GLU A 328 8.87 3.48 -16.78
CA GLU A 328 8.85 3.52 -16.74
C GLU A 328 7.97 4.27 -17.73
N GLU A 329 7.31 3.55 -18.66
CA GLU A 329 6.46 4.18 -19.66
C GLU A 329 5.26 4.87 -19.01
N THR A 330 4.61 4.18 -18.06
CA THR A 330 3.45 4.74 -17.39
C THR A 330 3.85 5.97 -16.57
N ALA A 331 4.98 5.89 -15.86
CA ALA A 331 5.47 7.00 -15.06
C ALA A 331 5.78 8.21 -15.94
N ARG A 332 6.41 7.99 -17.11
CA ARG A 332 6.69 9.07 -18.05
CA ARG A 332 6.69 9.08 -18.04
C ARG A 332 5.40 9.79 -18.43
N ARG A 333 4.35 9.00 -18.71
CA ARG A 333 3.10 9.55 -19.21
C ARG A 333 2.36 10.32 -18.12
N VAL A 334 2.39 9.79 -16.89
CA VAL A 334 1.80 10.46 -15.77
C VAL A 334 2.54 11.77 -15.49
N ARG A 335 3.88 11.75 -15.54
CA ARG A 335 4.69 12.91 -15.23
C ARG A 335 4.47 14.00 -16.29
N ALA A 336 4.16 13.60 -17.52
CA ALA A 336 3.88 14.57 -18.57
C ALA A 336 2.65 15.40 -18.20
N ILE A 337 1.67 14.76 -17.56
CA ILE A 337 0.39 15.36 -17.20
C ILE A 337 0.50 16.12 -15.87
N ASP A 338 1.25 15.58 -14.92
CA ASP A 338 1.21 16.00 -13.53
C ASP A 338 2.60 16.41 -13.06
N GLN A 339 2.75 17.69 -12.70
CA GLN A 339 4.05 18.26 -12.38
C GLN A 339 4.32 18.33 -10.88
N LYS A 340 3.44 17.71 -10.06
CA LYS A 340 3.43 17.94 -8.61
C LYS A 340 3.54 16.64 -7.81
N HIS A 341 2.82 15.60 -8.23
CA HIS A 341 2.62 14.45 -7.36
C HIS A 341 3.73 13.42 -7.50
N ALA A 342 3.98 12.72 -6.39
CA ALA A 342 4.85 11.56 -6.37
C ALA A 342 4.23 10.46 -7.22
N ILE A 343 5.10 9.75 -7.93
CA ILE A 343 4.76 8.50 -8.57
C ILE A 343 5.38 7.39 -7.73
N ILE A 344 4.52 6.47 -7.25
CA ILE A 344 4.93 5.46 -6.30
C ILE A 344 5.02 4.12 -7.03
N ILE A 345 6.20 3.50 -6.99
CA ILE A 345 6.48 2.29 -7.75
C ILE A 345 6.82 1.18 -6.76
N GLU A 346 6.02 0.11 -6.79
CA GLU A 346 6.32 -1.08 -6.03
C GLU A 346 7.06 -2.06 -6.95
N PRO A 347 8.01 -2.86 -6.41
CA PRO A 347 8.69 -3.87 -7.22
C PRO A 347 7.81 -5.10 -7.45
N ALA A 348 8.12 -5.81 -8.54
CA ALA A 348 7.50 -7.08 -8.85
C ALA A 348 8.53 -8.19 -8.65
N PRO A 349 8.14 -9.38 -8.11
CA PRO A 349 6.75 -9.66 -7.72
C PRO A 349 6.30 -9.21 -6.33
N TRP A 350 4.99 -8.94 -6.21
CA TRP A 350 4.25 -8.87 -4.94
C TRP A 350 4.52 -7.63 -4.10
N GLY A 351 5.31 -6.67 -4.59
CA GLY A 351 5.76 -5.55 -3.79
C GLY A 351 6.56 -5.96 -2.56
N SER A 352 7.19 -7.14 -2.60
CA SER A 352 7.88 -7.72 -1.45
C SER A 352 9.21 -6.99 -1.22
N PRO A 353 9.71 -6.94 0.04
CA PRO A 353 11.04 -6.40 0.29
C PRO A 353 12.14 -7.03 -0.56
N SER A 354 12.11 -8.35 -0.74
CA SER A 354 13.14 -9.04 -1.51
C SER A 354 13.10 -8.66 -3.00
N SER A 355 11.94 -8.22 -3.48
CA SER A 355 11.78 -7.89 -4.89
C SER A 355 12.41 -6.55 -5.26
N ILE A 356 12.70 -5.68 -4.29
CA ILE A 356 13.21 -4.36 -4.61
C ILE A 356 14.58 -4.46 -5.30
N ALA A 357 15.33 -5.52 -5.00
CA ALA A 357 16.63 -5.74 -5.61
C ALA A 357 16.51 -6.08 -7.09
N LEU A 358 15.30 -6.41 -7.55
CA LEU A 358 15.07 -6.76 -8.95
C LEU A 358 14.65 -5.55 -9.78
N LEU A 359 14.44 -4.40 -9.14
CA LEU A 359 14.00 -3.21 -9.81
C LEU A 359 15.20 -2.29 -10.05
N ASP A 360 15.32 -1.73 -11.26
CA ASP A 360 16.25 -0.65 -11.54
C ASP A 360 15.53 0.69 -11.31
N PRO A 361 16.17 1.70 -10.68
CA PRO A 361 15.53 3.00 -10.52
C PRO A 361 15.05 3.53 -11.87
N ILE A 362 13.85 4.09 -11.91
CA ILE A 362 13.31 4.54 -13.20
C ILE A 362 13.70 5.99 -13.40
N ASP A 363 13.93 6.36 -14.66
CA ASP A 363 14.49 7.64 -15.04
C ASP A 363 13.35 8.63 -15.32
N VAL A 364 12.55 8.90 -14.29
CA VAL A 364 11.46 9.87 -14.31
C VAL A 364 11.57 10.64 -13.00
N PRO A 365 11.43 11.98 -12.97
CA PRO A 365 11.52 12.71 -11.71
C PRO A 365 10.34 12.43 -10.79
N GLY A 366 10.57 12.61 -9.49
CA GLY A 366 9.50 12.60 -8.50
C GLY A 366 8.95 11.20 -8.27
N VAL A 367 9.85 10.19 -8.27
CA VAL A 367 9.47 8.81 -8.02
C VAL A 367 9.83 8.44 -6.57
N VAL A 368 8.89 7.74 -5.92
CA VAL A 368 9.05 7.17 -4.59
C VAL A 368 8.89 5.66 -4.73
N TYR A 369 9.67 4.87 -3.97
CA TYR A 369 9.62 3.42 -4.08
C TYR A 369 8.91 2.86 -2.85
N SER A 370 8.21 1.74 -3.04
CA SER A 370 7.31 1.24 -2.02
C SER A 370 7.36 -0.28 -1.96
N VAL A 371 7.39 -0.80 -0.73
CA VAL A 371 7.18 -2.23 -0.49
C VAL A 371 6.11 -2.40 0.60
N HIS A 372 5.66 -3.64 0.72
CA HIS A 372 4.72 -4.06 1.75
C HIS A 372 5.44 -5.05 2.66
N MET A 373 5.15 -4.98 3.97
CA MET A 373 5.86 -5.80 4.95
C MET A 373 4.88 -6.71 5.69
N TYR A 374 4.94 -8.00 5.35
CA TYR A 374 4.15 -9.04 5.98
C TYR A 374 5.01 -10.27 6.29
N VAL A 375 6.35 -10.13 6.18
CA VAL A 375 7.27 -11.25 6.35
C VAL A 375 7.43 -11.49 7.85
N PRO A 376 7.32 -12.73 8.38
CA PRO A 376 6.96 -13.94 7.63
C PRO A 376 5.45 -14.16 7.58
N HIS A 377 4.95 -14.60 6.42
CA HIS A 377 3.53 -14.86 6.15
CA HIS A 377 3.52 -14.79 6.21
C HIS A 377 2.95 -15.84 7.18
N ALA A 378 3.73 -16.86 7.53
CA ALA A 378 3.25 -17.89 8.46
C ALA A 378 2.79 -17.25 9.77
N PHE A 379 3.41 -16.13 10.12
CA PHE A 379 3.04 -15.39 11.32
C PHE A 379 1.95 -14.35 11.04
N THR A 380 2.21 -13.44 10.09
CA THR A 380 1.33 -12.30 9.91
C THR A 380 -0.04 -12.72 9.37
N HIS A 381 -0.09 -13.85 8.65
CA HIS A 381 -1.32 -14.38 8.07
C HIS A 381 -1.74 -15.69 8.72
N GLN A 382 -1.32 -15.93 9.96
CA GLN A 382 -1.74 -17.14 10.65
C GLN A 382 -3.26 -17.13 10.81
N GLY A 383 -3.89 -18.27 10.49
CA GLY A 383 -5.33 -18.43 10.62
C GLY A 383 -6.11 -17.76 9.48
N VAL A 384 -5.38 -17.29 8.47
CA VAL A 384 -5.94 -16.80 7.22
C VAL A 384 -5.61 -17.84 6.15
N TYR A 385 -6.53 -18.01 5.20
CA TYR A 385 -6.39 -19.07 4.21
C TYR A 385 -6.33 -20.38 5.01
N ASP A 386 -5.27 -21.17 4.85
CA ASP A 386 -5.15 -22.42 5.59
C ASP A 386 -3.90 -22.41 6.46
N ASN A 387 -3.29 -21.23 6.66
CA ASN A 387 -2.17 -21.07 7.57
C ASN A 387 -2.61 -21.46 8.98
N PRO A 388 -1.87 -22.33 9.70
CA PRO A 388 -2.21 -22.65 11.09
C PRO A 388 -2.11 -21.42 12.00
N VAL A 389 -2.77 -21.47 13.16
CA VAL A 389 -2.65 -20.43 14.19
C VAL A 389 -1.65 -20.89 15.26
N GLY A 390 -1.43 -20.01 16.26
CA GLY A 390 -0.61 -20.33 17.43
C GLY A 390 0.87 -20.03 17.20
N ILE A 391 1.16 -19.11 16.29
CA ILE A 391 2.54 -18.80 15.93
C ILE A 391 2.95 -17.54 16.70
N VAL A 392 3.92 -17.70 17.62
CA VAL A 392 4.30 -16.62 18.50
C VAL A 392 5.44 -15.79 17.87
N TYR A 393 5.40 -14.47 18.09
CA TYR A 393 6.48 -13.57 17.73
C TYR A 393 6.81 -12.68 18.93
N PRO A 394 8.11 -12.47 19.28
CA PRO A 394 9.24 -13.19 18.68
C PRO A 394 9.22 -14.69 18.90
N GLY A 395 9.99 -15.41 18.09
CA GLY A 395 10.03 -16.86 18.22
C GLY A 395 10.60 -17.51 16.98
N THR A 396 10.67 -18.85 17.01
CA THR A 396 11.10 -19.62 15.87
C THR A 396 9.92 -19.74 14.91
N ILE A 397 10.13 -19.33 13.65
CA ILE A 397 9.09 -19.33 12.65
C ILE A 397 9.74 -19.77 11.33
N ASP A 398 9.14 -20.76 10.67
CA ASP A 398 9.70 -21.34 9.46
C ASP A 398 11.14 -21.77 9.73
N GLY A 399 11.35 -22.40 10.89
CA GLY A 399 12.65 -22.93 11.30
C GLY A 399 13.72 -21.87 11.56
N LYS A 400 13.34 -20.60 11.70
CA LYS A 400 14.28 -19.49 11.81
C LYS A 400 13.87 -18.61 12.99
N TRP A 401 14.86 -18.02 13.68
CA TRP A 401 14.56 -17.11 14.77
C TRP A 401 14.08 -15.77 14.21
N TYR A 402 12.89 -15.33 14.67
CA TYR A 402 12.31 -14.05 14.28
C TYR A 402 12.21 -13.12 15.47
N ASP A 403 12.88 -11.97 15.35
CA ASP A 403 12.70 -10.82 16.23
C ASP A 403 13.00 -9.56 15.43
N ARG A 404 13.19 -8.42 16.10
CA ARG A 404 13.39 -7.14 15.42
CA ARG A 404 13.37 -7.16 15.40
C ARG A 404 14.61 -7.20 14.51
N ASN A 405 15.67 -7.89 14.95
CA ASN A 405 16.88 -8.04 14.15
C ASN A 405 16.61 -8.83 12.86
N THR A 406 15.77 -9.86 12.93
CA THR A 406 15.43 -10.62 11.75
C THR A 406 14.65 -9.73 10.78
N LEU A 407 13.75 -8.87 11.31
CA LEU A 407 13.00 -7.97 10.44
C LEU A 407 13.92 -6.96 9.77
N ARG A 408 14.94 -6.50 10.49
CA ARG A 408 15.95 -5.62 9.89
C ARG A 408 16.61 -6.31 8.70
N LYS A 409 16.93 -7.60 8.84
CA LYS A 409 17.56 -8.35 7.77
C LYS A 409 16.62 -8.50 6.56
N VAL A 410 15.34 -8.77 6.82
CA VAL A 410 14.34 -8.84 5.77
C VAL A 410 14.34 -7.54 4.96
N LEU A 411 14.42 -6.40 5.66
CA LEU A 411 14.27 -5.09 5.03
C LEU A 411 15.58 -4.52 4.50
N GLU A 412 16.71 -5.22 4.70
CA GLU A 412 18.03 -4.74 4.31
C GLU A 412 18.09 -4.41 2.82
N PRO A 413 17.52 -5.19 1.89
CA PRO A 413 17.56 -4.81 0.47
C PRO A 413 16.88 -3.47 0.18
N VAL A 414 15.86 -3.15 0.98
CA VAL A 414 15.12 -1.90 0.79
C VAL A 414 15.99 -0.74 1.28
N ARG A 415 16.63 -0.91 2.45
CA ARG A 415 17.56 0.07 2.98
C ARG A 415 18.71 0.30 2.00
N ARG A 416 19.23 -0.79 1.40
CA ARG A 416 20.32 -0.67 0.44
C ARG A 416 19.88 0.12 -0.79
N PHE A 417 18.70 -0.20 -1.31
CA PHE A 417 18.17 0.49 -2.48
C PHE A 417 18.03 1.99 -2.20
N GLN A 418 17.45 2.32 -1.05
CA GLN A 418 17.29 3.70 -0.60
C GLN A 418 18.63 4.43 -0.60
N GLU A 419 19.64 3.86 0.06
CA GLU A 419 20.90 4.54 0.30
C GLU A 419 21.74 4.61 -0.97
N GLU A 420 21.74 3.53 -1.76
CA GLU A 420 22.55 3.47 -2.97
C GLU A 420 22.01 4.39 -4.05
N ASN A 421 20.68 4.59 -4.10
CA ASN A 421 20.05 5.32 -5.18
C ASN A 421 19.64 6.73 -4.73
N GLY A 422 19.71 7.01 -3.42
CA GLY A 422 19.26 8.28 -2.88
C GLY A 422 17.79 8.55 -3.22
N VAL A 423 16.94 7.60 -2.85
CA VAL A 423 15.51 7.66 -3.12
C VAL A 423 14.74 7.49 -1.81
N HIS A 424 13.47 7.91 -1.83
CA HIS A 424 12.57 7.80 -0.68
C HIS A 424 11.83 6.48 -0.73
N ILE A 425 11.53 5.94 0.46
CA ILE A 425 10.81 4.69 0.63
C ILE A 425 9.50 4.94 1.38
N TYR A 426 8.46 4.26 0.92
CA TYR A 426 7.12 4.27 1.49
C TYR A 426 6.65 2.84 1.70
N ILE A 427 6.25 2.54 2.93
CA ILE A 427 5.60 1.26 3.24
C ILE A 427 4.11 1.42 3.05
N GLY A 428 3.59 0.89 1.94
CA GLY A 428 2.20 1.07 1.56
C GLY A 428 1.25 0.23 2.39
N GLU A 429 1.75 -0.91 2.90
CA GLU A 429 1.00 -1.79 3.77
C GLU A 429 1.98 -2.53 4.68
N PHE A 430 1.54 -2.74 5.92
CA PHE A 430 2.12 -3.74 6.80
C PHE A 430 1.08 -4.12 7.85
N SER A 431 1.14 -5.34 8.34
CA SER A 431 0.23 -5.76 9.40
C SER A 431 0.67 -7.08 10.01
N ALA A 432 0.00 -7.42 11.12
CA ALA A 432 -0.06 -8.77 11.65
C ALA A 432 -1.47 -9.03 12.14
N ILE A 433 -1.96 -10.23 11.85
CA ILE A 433 -3.35 -10.58 12.12
C ILE A 433 -3.65 -10.42 13.62
N ARG A 434 -4.87 -9.95 13.94
CA ARG A 434 -5.19 -9.51 15.28
C ARG A 434 -5.18 -10.69 16.25
N TRP A 435 -5.43 -11.90 15.76
CA TRP A 435 -5.57 -13.04 16.67
C TRP A 435 -4.28 -13.82 16.83
N ALA A 436 -3.15 -13.24 16.40
CA ALA A 436 -1.85 -13.79 16.73
C ALA A 436 -1.77 -13.93 18.24
N PRO A 437 -1.05 -14.94 18.78
CA PRO A 437 -1.04 -15.19 20.22
C PRO A 437 -0.49 -14.03 21.05
N ALA A 438 -1.09 -13.79 22.21
CA ALA A 438 -0.54 -12.88 23.20
C ALA A 438 -0.36 -11.50 22.56
N ASP A 439 0.78 -10.85 22.83
CA ASP A 439 1.06 -9.52 22.28
C ASP A 439 1.90 -9.61 21.00
N SER A 440 1.84 -10.76 20.32
CA SER A 440 2.71 -11.01 19.17
C SER A 440 2.47 -9.97 18.06
N ALA A 441 1.20 -9.72 17.73
CA ALA A 441 0.90 -8.80 16.64
C ALA A 441 1.37 -7.40 17.01
N CYS A 442 1.08 -6.96 18.24
CA CYS A 442 1.53 -5.66 18.71
C CYS A 442 3.06 -5.54 18.63
N GLN A 443 3.81 -6.56 19.07
CA GLN A 443 5.27 -6.43 19.03
C GLN A 443 5.78 -6.39 17.59
N TYR A 444 5.17 -7.19 16.70
CA TYR A 444 5.54 -7.15 15.30
C TYR A 444 5.35 -5.75 14.74
N LEU A 445 4.18 -5.13 14.99
CA LEU A 445 3.91 -3.79 14.50
C LEU A 445 4.91 -2.79 15.10
N LYS A 446 5.20 -2.94 16.39
CA LYS A 446 6.12 -2.02 17.06
C LYS A 446 7.49 -2.11 16.39
N ASP A 447 7.94 -3.35 16.14
CA ASP A 447 9.27 -3.58 15.61
C ASP A 447 9.35 -3.03 14.19
N CYS A 448 8.32 -3.30 13.39
CA CYS A 448 8.24 -2.74 12.04
C CYS A 448 8.35 -1.22 12.08
N ILE A 449 7.49 -0.58 12.86
CA ILE A 449 7.45 0.88 12.85
C ILE A 449 8.80 1.43 13.30
N GLU A 450 9.40 0.84 14.34
CA GLU A 450 10.69 1.34 14.81
C GLU A 450 11.70 1.36 13.67
N ILE A 451 11.77 0.25 12.90
CA ILE A 451 12.71 0.19 11.79
C ILE A 451 12.37 1.23 10.71
N PHE A 452 11.09 1.33 10.33
CA PHE A 452 10.68 2.34 9.35
C PHE A 452 11.13 3.74 9.79
N GLU A 453 10.92 4.04 11.08
CA GLU A 453 11.23 5.35 11.63
C GLU A 453 12.75 5.61 11.61
N GLU A 454 13.55 4.58 11.90
CA GLU A 454 15.00 4.75 11.85
C GLU A 454 15.46 5.19 10.48
N TYR A 455 14.81 4.65 9.44
CA TYR A 455 15.23 4.83 8.07
C TYR A 455 14.51 6.01 7.39
N GLY A 456 13.56 6.63 8.10
CA GLY A 456 12.84 7.78 7.60
C GLY A 456 11.78 7.42 6.55
N TRP A 457 11.22 6.20 6.68
CA TRP A 457 10.22 5.73 5.73
C TRP A 457 8.82 6.18 6.14
N ASP A 458 8.06 6.73 5.17
CA ASP A 458 6.63 6.97 5.36
C ASP A 458 5.89 5.64 5.37
N TRP A 459 4.73 5.58 6.04
CA TRP A 459 4.08 4.29 6.20
C TRP A 459 2.57 4.39 6.35
N ALA A 460 1.90 3.32 5.88
CA ALA A 460 0.48 3.10 6.05
C ALA A 460 0.26 1.70 6.63
N TYR A 461 -0.34 1.67 7.82
CA TYR A 461 -0.80 0.45 8.46
C TYR A 461 -1.97 -0.15 7.69
N HIS A 462 -1.96 -1.48 7.51
CA HIS A 462 -3.09 -2.17 6.93
C HIS A 462 -3.91 -2.86 8.03
N ALA A 463 -5.17 -2.47 8.27
CA ALA A 463 -5.90 -1.38 7.66
C ALA A 463 -6.89 -0.81 8.69
N PHE A 464 -7.37 0.41 8.43
CA PHE A 464 -8.34 1.07 9.27
C PHE A 464 -9.75 0.79 8.75
N ARG A 465 -10.55 0.08 9.55
CA ARG A 465 -11.96 -0.18 9.29
C ARG A 465 -12.18 -0.88 7.96
N GLU A 466 -11.33 -1.85 7.65
CA GLU A 466 -11.49 -2.71 6.49
C GLU A 466 -11.84 -4.11 7.02
N TRP A 467 -11.17 -5.15 6.55
CA TRP A 467 -11.40 -6.50 7.05
C TRP A 467 -10.99 -6.56 8.53
N ASP A 468 -11.81 -7.20 9.37
CA ASP A 468 -11.59 -7.06 10.80
C ASP A 468 -10.38 -7.86 11.27
N GLY A 469 -9.89 -8.79 10.45
CA GLY A 469 -8.64 -9.49 10.73
C GLY A 469 -7.46 -8.52 10.94
N TRP A 470 -7.48 -7.40 10.20
CA TRP A 470 -6.41 -6.42 10.25
C TRP A 470 -6.83 -5.21 11.11
N SER A 471 -7.93 -5.30 11.86
CA SER A 471 -8.45 -4.17 12.62
C SER A 471 -7.82 -4.10 14.01
N VAL A 472 -7.35 -2.90 14.38
CA VAL A 472 -6.88 -2.64 15.74
C VAL A 472 -8.04 -2.26 16.67
N GLU A 473 -9.28 -2.27 16.17
CA GLU A 473 -10.48 -2.05 16.97
C GLU A 473 -11.17 -3.37 17.32
N HIS A 474 -10.57 -4.49 16.90
CA HIS A 474 -11.07 -5.83 17.16
C HIS A 474 -10.02 -6.60 17.96
N GLY A 475 -10.43 -7.72 18.56
CA GLY A 475 -9.68 -8.28 19.67
C GLY A 475 -8.95 -9.57 19.33
N PRO A 476 -8.55 -10.34 20.37
CA PRO A 476 -7.67 -11.50 20.20
C PRO A 476 -8.31 -12.78 19.69
N ASP A 477 -9.66 -12.84 19.66
CA ASP A 477 -10.35 -14.08 19.37
C ASP A 477 -10.91 -14.04 17.95
N ARG A 478 -10.45 -15.01 17.13
CA ARG A 478 -10.78 -15.08 15.73
C ARG A 478 -12.30 -15.20 15.52
N ASN A 479 -13.01 -15.80 16.48
CA ASN A 479 -14.43 -16.05 16.33
C ASN A 479 -15.26 -14.85 16.79
N ASP A 480 -14.63 -13.84 17.41
CA ASP A 480 -15.33 -12.64 17.84
C ASP A 480 -15.09 -11.52 16.83
N ARG A 481 -16.18 -11.09 16.16
CA ARG A 481 -16.16 -10.06 15.13
C ARG A 481 -16.58 -8.70 15.70
N ASN A 482 -16.81 -8.61 17.02
CA ASN A 482 -17.26 -7.36 17.61
C ASN A 482 -16.07 -6.48 17.97
N ARG A 483 -16.23 -5.16 17.85
CA ARG A 483 -15.23 -4.23 18.33
C ARG A 483 -15.00 -4.49 19.82
N THR A 484 -13.77 -4.22 20.26
CA THR A 484 -13.40 -4.29 21.67
C THR A 484 -14.03 -3.12 22.42
N ALA A 485 -14.25 -3.32 23.73
CA ALA A 485 -14.85 -2.31 24.58
C ALA A 485 -13.86 -1.18 24.84
N THR A 486 -12.57 -1.52 24.99
CA THR A 486 -11.52 -0.56 25.31
C THR A 486 -10.37 -0.70 24.32
N PRO A 487 -9.49 0.31 24.21
CA PRO A 487 -8.43 0.30 23.20
C PRO A 487 -7.49 -0.90 23.33
N THR A 488 -7.18 -1.49 22.17
CA THR A 488 -6.17 -2.53 22.07
C THR A 488 -4.78 -1.91 22.19
N ASP A 489 -3.78 -2.74 22.52
CA ASP A 489 -2.40 -2.29 22.54
C ASP A 489 -1.97 -1.82 21.15
N ARG A 490 -2.46 -2.51 20.11
CA ARG A 490 -2.16 -2.14 18.73
C ARG A 490 -2.69 -0.75 18.42
N ALA A 491 -3.93 -0.44 18.84
CA ALA A 491 -4.50 0.88 18.59
C ALA A 491 -3.72 1.95 19.33
N LEU A 492 -3.37 1.69 20.59
CA LEU A 492 -2.59 2.64 21.37
C LEU A 492 -1.21 2.88 20.76
N LEU A 493 -0.58 1.83 20.23
CA LEU A 493 0.70 1.95 19.55
C LEU A 493 0.56 2.88 18.33
N LEU A 494 -0.44 2.61 17.48
CA LEU A 494 -0.61 3.43 16.28
C LEU A 494 -0.82 4.90 16.65
N ARG A 495 -1.69 5.16 17.63
CA ARG A 495 -2.02 6.52 18.01
C ARG A 495 -0.80 7.21 18.66
N SER A 496 0.05 6.46 19.36
CA SER A 496 1.24 7.07 19.94
C SER A 496 2.16 7.55 18.83
N TRP A 497 2.17 6.84 17.68
CA TRP A 497 2.99 7.24 16.55
C TRP A 497 2.34 8.37 15.75
N TYR A 498 1.02 8.28 15.53
CA TYR A 498 0.30 9.36 14.85
C TYR A 498 0.41 10.68 15.61
N ALA A 499 0.52 10.60 16.94
CA ALA A 499 0.69 11.78 17.78
C ALA A 499 1.96 12.58 17.44
N GLU A 500 2.95 11.93 16.80
CA GLU A 500 4.17 12.59 16.34
C GLU A 500 3.97 13.36 15.03
N ASN A 501 2.87 13.09 14.32
CA ASN A 501 2.62 13.67 13.00
C ASN A 501 2.51 15.20 13.05
N VAL A 502 2.93 15.81 11.94
CA VAL A 502 2.57 17.17 11.57
C VAL A 502 1.49 17.09 10.50
N LYS A 503 0.44 17.93 10.61
CA LYS A 503 -0.65 17.94 9.64
CA LYS A 503 -0.62 17.90 9.62
C LYS A 503 -0.24 18.73 8.40
N PRO A 504 -0.69 18.32 7.20
CA PRO A 504 -0.51 19.13 6.00
C PRO A 504 -1.20 20.47 6.19
N GLN A 505 -0.60 21.53 5.65
CA GLN A 505 -1.23 22.85 5.64
C GLN A 505 -1.78 23.08 4.25
N PHE A 506 -3.10 23.33 4.14
CA PHE A 506 -3.71 23.59 2.85
C PHE A 506 -3.99 25.09 2.70
N SER A 507 -3.76 25.62 1.49
CA SER A 507 -3.99 27.03 1.19
C SER A 507 -5.40 27.45 1.64
#